data_2F1N
#
_entry.id   2F1N
#
_cell.length_a   39.884
_cell.length_b   47.539
_cell.length_c   114.888
_cell.angle_alpha   90.00
_cell.angle_beta   90.00
_cell.angle_gamma   90.00
#
_symmetry.space_group_name_H-M   'P 21 21 21'
#
loop_
_entity.id
_entity.type
_entity.pdbx_description
1 polymer 'Cytolethal distending toxin subunit B'
2 water water
#
_entity_poly.entity_id   1
_entity_poly.type   'polypeptide(L)'
_entity_poly.pdbx_seq_one_letter_code
;MAHHHHHHVGTDLTDFRVATWNLQGASATTESKWNINVRQLISGENAVDILAVQEAGSPPSTAVDTGRVIPSPGIPVREL
IWNLSTNSRPQQVYIYFSAVDALGGRVNLALVSNRRADEVFVLSPVRQGGRPLLGIRIGNDAFFTAHAIAMRNNDAPALV
EEVYNFFRDSRDPVHQALNWMILGDFNREPADLEMNLTVPVRRASEIISPAAATQTSQRTLDYAVAGNSVAFRPSPLQAG
IVYGARRTQISSDHFPVGVSRR
;
_entity_poly.pdbx_strand_id   A
#
# COMPACT_ATOMS: atom_id res chain seq x y z
N GLY A 10 3.81 -12.44 -17.38
CA GLY A 10 3.43 -13.35 -16.28
C GLY A 10 4.51 -13.57 -15.25
N THR A 11 4.14 -14.19 -14.12
CA THR A 11 5.05 -14.55 -13.02
C THR A 11 5.84 -13.31 -12.54
N ASP A 12 5.13 -12.39 -11.90
CA ASP A 12 5.65 -11.03 -11.76
C ASP A 12 6.03 -10.61 -10.35
N LEU A 13 5.02 -10.66 -9.49
CA LEU A 13 5.10 -10.05 -8.17
C LEU A 13 6.29 -10.56 -7.34
N THR A 14 6.74 -11.78 -7.62
CA THR A 14 7.84 -12.38 -6.86
C THR A 14 9.22 -11.73 -7.02
N ASP A 15 9.35 -10.78 -7.94
CA ASP A 15 10.61 -10.06 -8.13
C ASP A 15 10.77 -8.97 -7.06
N PHE A 16 9.63 -8.56 -6.47
CA PHE A 16 9.56 -7.43 -5.53
C PHE A 16 9.48 -7.88 -4.06
N ARG A 17 10.15 -7.13 -3.16
CA ARG A 17 9.86 -7.18 -1.72
C ARG A 17 9.00 -5.95 -1.46
N VAL A 18 7.80 -6.14 -0.92
CA VAL A 18 6.93 -5.02 -0.66
C VAL A 18 6.49 -5.09 0.81
N ALA A 19 5.88 -4.02 1.30
CA ALA A 19 5.38 -4.03 2.68
C ALA A 19 4.28 -2.98 2.87
N THR A 20 3.58 -3.07 3.98
CA THR A 20 2.56 -2.10 4.30
C THR A 20 2.70 -1.72 5.79
N TRP A 21 2.51 -0.43 6.10
CA TRP A 21 2.55 0.00 7.48
C TRP A 21 1.57 1.14 7.75
N ASN A 22 0.70 0.97 8.76
CA ASN A 22 -0.12 2.07 9.20
C ASN A 22 0.67 2.72 10.33
N LEU A 23 1.19 3.90 10.08
CA LEU A 23 2.12 4.47 11.04
C LEU A 23 1.43 5.37 12.05
N GLN A 24 0.10 5.49 11.95
CA GLN A 24 -0.70 6.20 12.96
C GLN A 24 -0.11 7.58 13.19
N GLY A 25 0.11 8.28 12.07
CA GLY A 25 0.81 9.54 12.06
C GLY A 25 -0.21 10.66 11.98
N ALA A 26 0.28 11.86 12.24
CA ALA A 26 -0.54 13.07 12.21
C ALA A 26 0.33 14.07 11.48
N SER A 27 -0.29 14.94 10.71
CA SER A 27 0.46 15.85 9.82
C SER A 27 1.51 16.71 10.52
N ALA A 28 1.26 17.09 11.77
CA ALA A 28 2.20 17.93 12.48
C ALA A 28 3.43 17.24 13.12
N THR A 29 3.42 15.92 13.23
CA THR A 29 4.50 15.30 14.02
C THR A 29 5.09 14.01 13.46
N THR A 30 5.07 13.85 12.15
CA THR A 30 5.55 12.57 11.55
C THR A 30 7.02 12.55 11.15
N GLU A 31 7.82 13.57 11.50
CA GLU A 31 9.19 13.60 10.99
C GLU A 31 10.02 12.36 11.36
N SER A 32 9.96 11.91 12.60
CA SER A 32 10.73 10.73 13.00
C SER A 32 10.25 9.46 12.35
N LYS A 33 8.93 9.28 12.31
CA LYS A 33 8.38 8.09 11.69
C LYS A 33 8.81 8.00 10.24
N TRP A 34 8.86 9.13 9.54
CA TRP A 34 9.42 9.10 8.17
C TRP A 34 10.94 9.03 8.12
N ASN A 35 11.63 9.98 8.78
CA ASN A 35 13.10 10.09 8.61
C ASN A 35 13.88 8.96 9.23
N ILE A 36 13.30 8.34 10.27
CA ILE A 36 13.91 7.14 10.85
C ILE A 36 13.24 5.84 10.42
N ASN A 37 11.96 5.66 10.75
CA ASN A 37 11.33 4.35 10.60
C ASN A 37 11.01 3.97 9.16
N VAL A 38 10.37 4.86 8.41
CA VAL A 38 10.18 4.54 6.98
C VAL A 38 11.53 4.40 6.23
N ARG A 39 12.46 5.29 6.54
CA ARG A 39 13.78 5.22 5.94
C ARG A 39 14.45 3.84 6.11
N GLN A 40 14.37 3.31 7.32
CA GLN A 40 14.91 1.97 7.60
C GLN A 40 14.24 0.86 6.81
N LEU A 41 12.91 0.94 6.62
CA LEU A 41 12.23 -0.05 5.81
C LEU A 41 12.62 -0.08 4.33
N ILE A 42 12.92 1.11 3.76
CA ILE A 42 13.22 1.27 2.33
C ILE A 42 14.71 1.39 1.93
N SER A 43 15.59 1.18 2.90
CA SER A 43 17.03 1.26 2.61
C SER A 43 17.77 0.19 3.38
N GLY A 44 19.08 0.04 3.13
CA GLY A 44 19.82 -1.04 3.77
C GLY A 44 19.78 -2.39 3.07
N GLU A 45 20.39 -3.41 3.70
CA GLU A 45 20.54 -4.73 3.07
C GLU A 45 19.28 -5.51 2.71
N ASN A 46 18.20 -5.25 3.45
CA ASN A 46 16.91 -5.91 3.21
C ASN A 46 15.79 -4.91 2.91
N ALA A 47 16.13 -3.88 2.14
CA ALA A 47 15.20 -2.80 1.79
C ALA A 47 14.01 -3.33 1.04
N VAL A 48 12.82 -2.84 1.37
CA VAL A 48 11.69 -3.14 0.49
C VAL A 48 11.68 -2.20 -0.73
N ASP A 49 11.18 -2.69 -1.86
CA ASP A 49 11.05 -1.93 -3.11
C ASP A 49 9.84 -0.98 -3.07
N ILE A 50 8.74 -1.45 -2.49
CA ILE A 50 7.52 -0.66 -2.43
C ILE A 50 7.00 -0.74 -1.01
N LEU A 51 6.73 0.42 -0.41
CA LEU A 51 6.06 0.46 0.88
C LEU A 51 4.72 1.23 0.74
N ALA A 52 3.63 0.58 1.18
CA ALA A 52 2.33 1.22 1.27
C ALA A 52 2.20 1.75 2.69
N VAL A 53 1.75 2.98 2.79
CA VAL A 53 1.61 3.64 4.12
C VAL A 53 0.17 4.13 4.32
N GLN A 54 -0.35 3.93 5.55
CA GLN A 54 -1.64 4.50 5.95
C GLN A 54 -1.44 5.41 7.20
N GLU A 55 -2.39 6.31 7.42
CA GLU A 55 -2.26 7.38 8.47
C GLU A 55 -0.86 8.01 8.35
N ALA A 56 -0.56 8.47 7.12
CA ALA A 56 0.82 8.78 6.76
C ALA A 56 1.30 10.14 7.30
N GLY A 57 0.40 10.96 7.84
CA GLY A 57 0.88 12.26 8.32
C GLY A 57 1.27 13.17 7.15
N SER A 58 2.46 13.72 7.21
CA SER A 58 3.00 14.62 6.21
C SER A 58 4.27 13.91 5.72
N PRO A 59 4.63 14.11 4.46
CA PRO A 59 5.87 13.49 3.96
C PRO A 59 7.11 14.13 4.61
N PRO A 60 8.28 13.53 4.42
CA PRO A 60 9.53 14.06 4.99
C PRO A 60 9.70 15.49 4.49
N SER A 61 10.14 16.38 5.39
CA SER A 61 10.36 17.77 5.04
C SER A 61 11.37 17.99 3.93
N THR A 62 12.27 17.04 3.71
CA THR A 62 13.23 17.22 2.61
C THR A 62 12.79 16.60 1.28
N ALA A 63 11.66 15.92 1.23
CA ALA A 63 11.17 15.37 -0.04
C ALA A 63 10.50 16.46 -0.86
N VAL A 64 10.79 16.49 -2.16
CA VAL A 64 10.43 17.66 -2.99
C VAL A 64 9.51 17.26 -4.14
N ASP A 65 8.36 17.92 -4.28
CA ASP A 65 7.42 17.66 -5.40
C ASP A 65 8.15 17.80 -6.73
N THR A 66 7.94 16.83 -7.63
CA THR A 66 8.58 16.90 -8.93
C THR A 66 7.80 17.77 -9.91
N GLY A 67 6.54 18.02 -9.61
CA GLY A 67 5.63 18.79 -10.46
C GLY A 67 4.93 17.85 -11.45
N ARG A 68 5.10 16.54 -11.29
CA ARG A 68 4.43 15.59 -12.21
C ARG A 68 2.92 15.84 -12.25
N VAL A 69 2.36 15.88 -13.47
CA VAL A 69 0.89 16.05 -13.61
C VAL A 69 0.20 14.69 -13.54
N ILE A 70 -0.62 14.51 -12.51
CA ILE A 70 -1.23 13.22 -12.25
C ILE A 70 -2.74 13.33 -12.40
N PRO A 71 -3.33 12.59 -13.33
CA PRO A 71 -4.78 12.67 -13.50
C PRO A 71 -5.46 12.15 -12.25
N SER A 72 -6.50 12.84 -11.79
CA SER A 72 -7.15 12.47 -10.55
C SER A 72 -8.58 13.00 -10.53
N PRO A 73 -9.54 12.22 -10.02
CA PRO A 73 -10.95 12.67 -9.95
C PRO A 73 -11.16 13.54 -8.71
N GLY A 74 -10.42 14.65 -8.64
CA GLY A 74 -10.47 15.57 -7.52
C GLY A 74 -9.89 15.01 -6.21
N ILE A 75 -8.98 14.03 -6.31
CA ILE A 75 -8.31 13.57 -5.11
C ILE A 75 -6.85 14.02 -5.08
N PRO A 76 -6.44 14.76 -4.05
CA PRO A 76 -5.06 15.24 -3.92
C PRO A 76 -4.05 14.12 -4.02
N VAL A 77 -3.10 14.25 -4.94
CA VAL A 77 -2.00 13.31 -5.05
C VAL A 77 -0.78 14.02 -5.63
N ARG A 78 0.40 13.77 -5.05
CA ARG A 78 1.64 14.42 -5.49
C ARG A 78 2.74 13.41 -5.56
N GLU A 79 3.62 13.56 -6.55
CA GLU A 79 4.86 12.76 -6.61
C GLU A 79 5.97 13.60 -6.03
N LEU A 80 6.72 13.02 -5.07
CA LEU A 80 7.88 13.67 -4.47
C LEU A 80 9.15 12.84 -4.65
N ILE A 81 10.30 13.49 -4.84
CA ILE A 81 11.53 12.78 -4.79
C ILE A 81 12.19 13.01 -3.44
N TRP A 82 12.69 11.92 -2.88
CA TRP A 82 13.28 11.97 -1.53
C TRP A 82 14.71 11.46 -1.66
N ASN A 83 15.65 12.40 -1.51
CA ASN A 83 17.07 12.07 -1.66
C ASN A 83 17.55 11.50 -0.35
N LEU A 84 18.09 10.28 -0.35
CA LEU A 84 18.38 9.59 0.90
C LEU A 84 19.87 9.60 1.25
N SER A 85 20.70 9.83 0.24
CA SER A 85 22.17 9.78 0.37
C SER A 85 22.78 9.92 -1.00
N THR A 86 24.07 10.26 -1.07
CA THR A 86 24.78 10.24 -2.37
C THR A 86 25.88 9.16 -2.40
N ASN A 87 25.66 8.09 -1.64
CA ASN A 87 26.56 6.94 -1.60
C ASN A 87 25.72 5.67 -1.53
N SER A 88 25.12 5.46 -0.35
CA SER A 88 24.29 4.29 -0.07
C SER A 88 23.45 3.91 -1.28
N ARG A 89 23.68 2.67 -1.75
CA ARG A 89 23.08 2.11 -2.98
C ARG A 89 21.70 2.64 -3.34
N PRO A 90 20.74 2.61 -2.40
CA PRO A 90 19.41 3.19 -2.67
C PRO A 90 19.48 4.72 -2.46
N GLN A 91 19.85 5.48 -3.50
CA GLN A 91 20.23 6.89 -3.34
C GLN A 91 19.01 7.83 -3.26
N GLN A 92 17.97 7.53 -4.02
CA GLN A 92 16.74 8.32 -3.90
C GLN A 92 15.52 7.43 -4.02
N VAL A 93 14.40 7.88 -3.47
CA VAL A 93 13.16 7.13 -3.65
C VAL A 93 12.07 8.11 -4.07
N TYR A 94 10.99 7.57 -4.61
CA TYR A 94 9.83 8.35 -5.03
C TYR A 94 8.69 8.15 -4.03
N ILE A 95 8.02 9.24 -3.62
CA ILE A 95 6.86 9.13 -2.74
C ILE A 95 5.63 9.59 -3.46
N TYR A 96 4.55 8.83 -3.38
CA TYR A 96 3.28 9.29 -3.98
C TYR A 96 2.39 9.50 -2.78
N PHE A 97 2.01 10.76 -2.60
CA PHE A 97 1.38 11.15 -1.32
C PHE A 97 0.01 11.73 -1.56
N SER A 98 -0.99 11.29 -0.79
CA SER A 98 -2.33 11.88 -0.88
C SER A 98 -2.74 12.44 0.45
N ALA A 99 -2.80 13.76 0.54
CA ALA A 99 -3.43 14.43 1.68
C ALA A 99 -4.95 14.18 1.52
N VAL A 100 -5.49 13.35 2.38
CA VAL A 100 -6.90 12.99 2.32
C VAL A 100 -7.65 14.14 2.96
N ASP A 101 -7.24 14.49 4.18
CA ASP A 101 -7.73 15.71 4.80
C ASP A 101 -6.70 16.79 4.61
N ALA A 102 -7.17 17.90 4.06
CA ALA A 102 -6.42 19.14 4.06
C ALA A 102 -6.54 19.84 5.43
N LEU A 103 -7.14 19.12 6.39
CA LEU A 103 -7.46 19.66 7.72
C LEU A 103 -6.61 19.02 8.84
N GLY A 104 -7.16 18.01 9.53
CA GLY A 104 -6.46 17.29 10.60
C GLY A 104 -5.34 16.32 10.16
N GLY A 105 -5.53 15.67 9.03
CA GLY A 105 -4.49 14.89 8.37
C GLY A 105 -4.09 13.57 9.02
N ARG A 106 -5.05 12.88 9.63
CA ARG A 106 -4.73 11.64 10.35
C ARG A 106 -5.03 10.38 9.55
N VAL A 107 -5.49 10.57 8.32
CA VAL A 107 -5.81 9.41 7.47
C VAL A 107 -5.19 9.56 6.07
N ASN A 108 -4.02 10.22 6.01
CA ASN A 108 -3.35 10.37 4.70
C ASN A 108 -2.76 9.06 4.21
N LEU A 109 -2.59 8.95 2.90
CA LEU A 109 -2.05 7.73 2.28
C LEU A 109 -0.78 8.00 1.52
N ALA A 110 0.10 6.99 1.48
CA ALA A 110 1.30 7.09 0.62
C ALA A 110 1.77 5.75 0.08
N LEU A 111 2.48 5.84 -1.03
CA LEU A 111 3.32 4.73 -1.53
C LEU A 111 4.73 5.28 -1.71
N VAL A 112 5.72 4.51 -1.27
CA VAL A 112 7.11 4.87 -1.45
C VAL A 112 7.73 3.79 -2.34
N SER A 113 8.46 4.23 -3.36
CA SER A 113 9.03 3.24 -4.30
C SER A 113 10.44 3.57 -4.72
N ASN A 114 11.27 2.54 -4.87
CA ASN A 114 12.65 2.81 -5.34
C ASN A 114 12.78 2.95 -6.86
N ARG A 115 11.63 2.90 -7.55
CA ARG A 115 11.56 3.19 -8.97
C ARG A 115 10.47 4.25 -9.20
N ARG A 116 10.70 5.19 -10.10
CA ARG A 116 9.60 6.06 -10.50
C ARG A 116 8.40 5.29 -11.01
N ALA A 117 7.21 5.71 -10.61
CA ALA A 117 6.00 5.06 -11.10
C ALA A 117 5.88 5.29 -12.61
N ASP A 118 5.60 4.24 -13.38
CA ASP A 118 5.25 4.44 -14.79
C ASP A 118 3.90 5.12 -14.97
N GLU A 119 3.00 4.83 -14.05
CA GLU A 119 1.64 5.36 -14.12
C GLU A 119 1.14 5.46 -12.66
N VAL A 120 0.31 6.47 -12.42
CA VAL A 120 -0.31 6.62 -11.09
C VAL A 120 -1.82 6.47 -11.20
N PHE A 121 -2.39 5.67 -10.31
CA PHE A 121 -3.85 5.42 -10.24
C PHE A 121 -4.46 6.05 -8.98
N VAL A 122 -5.59 6.75 -9.14
CA VAL A 122 -6.31 7.32 -8.03
C VAL A 122 -7.76 6.93 -8.21
N LEU A 123 -8.26 6.06 -7.34
CA LEU A 123 -9.63 5.59 -7.40
C LEU A 123 -10.43 6.17 -6.21
N SER A 124 -11.69 6.50 -6.49
CA SER A 124 -12.55 7.17 -5.52
C SER A 124 -12.93 6.26 -4.36
N PRO A 125 -13.21 6.86 -3.20
CA PRO A 125 -13.70 6.09 -2.07
C PRO A 125 -14.97 5.36 -2.47
N VAL A 126 -15.18 4.20 -1.87
CA VAL A 126 -16.34 3.37 -2.20
C VAL A 126 -17.48 3.54 -1.23
N ARG A 127 -17.27 4.38 -0.22
CA ARG A 127 -18.27 4.61 0.83
C ARG A 127 -18.07 6.02 1.38
N GLN A 128 -19.17 6.69 1.74
CA GLN A 128 -19.04 7.95 2.45
C GLN A 128 -18.21 7.81 3.71
N GLY A 129 -17.23 8.69 3.84
CA GLY A 129 -16.27 8.61 4.92
C GLY A 129 -15.11 7.62 4.73
N GLY A 130 -15.10 6.93 3.60
CA GLY A 130 -14.00 6.03 3.28
C GLY A 130 -12.84 6.80 2.67
N ARG A 131 -11.68 6.15 2.54
CA ARG A 131 -10.49 6.71 1.92
C ARG A 131 -10.50 6.30 0.43
N PRO A 132 -9.79 7.04 -0.42
CA PRO A 132 -9.56 6.62 -1.81
C PRO A 132 -8.59 5.47 -1.87
N LEU A 133 -8.38 4.94 -3.08
CA LEU A 133 -7.29 4.00 -3.38
C LEU A 133 -6.19 4.70 -4.14
N LEU A 134 -4.94 4.61 -3.69
CA LEU A 134 -3.85 5.25 -4.40
C LEU A 134 -2.98 4.11 -4.87
N GLY A 135 -2.61 4.11 -6.16
CA GLY A 135 -1.80 3.01 -6.68
C GLY A 135 -0.73 3.51 -7.65
N ILE A 136 0.33 2.70 -7.85
CA ILE A 136 1.30 2.99 -8.91
C ILE A 136 1.48 1.72 -9.77
N ARG A 137 1.83 1.92 -11.02
CA ARG A 137 2.19 0.81 -11.91
C ARG A 137 3.69 0.91 -12.18
N ILE A 138 4.40 -0.23 -12.07
CA ILE A 138 5.80 -0.30 -12.49
C ILE A 138 5.80 -1.49 -13.43
N GLY A 139 6.04 -1.23 -14.71
CA GLY A 139 5.97 -2.35 -15.67
C GLY A 139 4.59 -2.98 -15.69
N ASN A 140 4.57 -4.30 -15.55
CA ASN A 140 3.34 -5.06 -15.65
C ASN A 140 2.63 -5.31 -14.31
N ASP A 141 3.06 -4.58 -13.26
CA ASP A 141 2.56 -4.80 -11.91
C ASP A 141 2.04 -3.48 -11.33
N ALA A 142 0.97 -3.55 -10.55
CA ALA A 142 0.40 -2.37 -9.94
C ALA A 142 0.33 -2.61 -8.44
N PHE A 143 0.58 -1.54 -7.65
CA PHE A 143 0.57 -1.69 -6.21
C PHE A 143 -0.27 -0.55 -5.63
N PHE A 144 -1.20 -0.90 -4.73
CA PHE A 144 -2.09 0.07 -4.08
C PHE A 144 -1.88 0.11 -2.59
N THR A 145 -2.06 1.30 -2.03
CA THR A 145 -2.25 1.40 -0.58
C THR A 145 -3.75 1.65 -0.21
N ALA A 146 -4.23 0.94 0.81
CA ALA A 146 -5.67 1.00 1.18
C ALA A 146 -5.82 1.15 2.67
N HIS A 147 -6.85 1.91 3.06
CA HIS A 147 -7.15 2.02 4.48
C HIS A 147 -8.65 1.98 4.68
N ALA A 148 -9.18 0.80 4.94
CA ALA A 148 -10.62 0.61 5.07
C ALA A 148 -11.09 1.20 6.39
N ILE A 149 -12.39 1.48 6.51
CA ILE A 149 -12.92 2.18 7.69
C ILE A 149 -12.93 1.24 8.87
N ALA A 150 -12.58 1.77 10.06
CA ALA A 150 -12.65 0.92 11.24
C ALA A 150 -14.10 0.97 11.73
N MET A 151 -14.90 0.07 11.20
CA MET A 151 -16.32 -0.01 11.56
C MET A 151 -16.73 -1.44 11.31
N ARG A 152 -17.87 -1.81 11.86
CA ARG A 152 -18.43 -3.11 11.51
C ARG A 152 -18.91 -3.10 10.09
N ASN A 153 -18.75 -4.25 9.45
CA ASN A 153 -19.21 -4.45 8.08
C ASN A 153 -18.76 -3.26 7.17
N ASN A 154 -17.44 -3.15 7.09
CA ASN A 154 -16.81 -2.01 6.43
C ASN A 154 -16.62 -2.16 4.93
N ASP A 155 -15.84 -1.23 4.37
CA ASP A 155 -15.65 -1.13 2.92
C ASP A 155 -14.53 -1.98 2.31
N ALA A 156 -13.90 -2.83 3.13
CA ALA A 156 -12.79 -3.62 2.58
C ALA A 156 -13.15 -4.45 1.34
N PRO A 157 -14.24 -5.23 1.34
CA PRO A 157 -14.56 -6.01 0.12
C PRO A 157 -14.77 -5.11 -1.11
N ALA A 158 -15.46 -4.01 -0.93
CA ALA A 158 -15.72 -3.05 -2.02
C ALA A 158 -14.45 -2.39 -2.54
N LEU A 159 -13.48 -2.10 -1.66
CA LEU A 159 -12.17 -1.62 -2.12
C LEU A 159 -11.47 -2.64 -3.05
N VAL A 160 -11.48 -3.90 -2.64
CA VAL A 160 -10.82 -4.94 -3.45
C VAL A 160 -11.57 -5.03 -4.77
N GLU A 161 -12.90 -5.03 -4.69
CA GLU A 161 -13.72 -5.13 -5.89
C GLU A 161 -13.51 -3.94 -6.87
N GLU A 162 -13.32 -2.75 -6.30
CA GLU A 162 -13.00 -1.59 -7.12
C GLU A 162 -11.72 -1.77 -7.93
N VAL A 163 -10.67 -2.33 -7.32
CA VAL A 163 -9.41 -2.54 -8.04
C VAL A 163 -9.60 -3.61 -9.10
N TYR A 164 -10.24 -4.71 -8.75
CA TYR A 164 -10.49 -5.75 -9.77
C TYR A 164 -11.26 -5.17 -10.97
N ASN A 165 -12.33 -4.43 -10.69
CA ASN A 165 -13.13 -3.88 -11.80
C ASN A 165 -12.41 -2.80 -12.62
N PHE A 166 -11.59 -1.97 -11.94
CA PHE A 166 -10.82 -0.94 -12.62
C PHE A 166 -9.96 -1.54 -13.75
N PHE A 167 -9.21 -2.59 -13.44
CA PHE A 167 -8.37 -3.23 -14.44
C PHE A 167 -9.23 -4.01 -15.45
N ARG A 168 -10.25 -4.73 -14.99
CA ARG A 168 -11.12 -5.49 -15.94
C ARG A 168 -11.73 -4.60 -17.01
N ASP A 169 -12.10 -3.38 -16.62
CA ASP A 169 -12.81 -2.48 -17.53
C ASP A 169 -11.87 -1.69 -18.43
N SER A 170 -10.55 -1.85 -18.27
CA SER A 170 -9.61 -1.09 -19.10
C SER A 170 -9.83 -1.41 -20.57
N ARG A 171 -9.76 -0.39 -21.41
CA ARG A 171 -9.84 -0.58 -22.86
C ARG A 171 -8.64 -1.34 -23.44
N ASP A 172 -7.45 -1.14 -22.85
CA ASP A 172 -6.18 -1.77 -23.30
C ASP A 172 -6.05 -3.17 -22.73
N PRO A 173 -5.92 -4.21 -23.55
CA PRO A 173 -5.80 -5.56 -23.03
C PRO A 173 -4.57 -5.79 -22.13
N VAL A 174 -3.49 -5.06 -22.39
CA VAL A 174 -2.31 -5.17 -21.52
C VAL A 174 -2.61 -4.60 -20.11
N HIS A 175 -3.39 -3.52 -20.05
CA HIS A 175 -3.83 -3.05 -18.71
C HIS A 175 -4.83 -4.00 -18.04
N GLN A 176 -5.67 -4.66 -18.83
CA GLN A 176 -6.63 -5.58 -18.21
C GLN A 176 -5.91 -6.71 -17.48
N ALA A 177 -4.73 -7.09 -17.97
CA ALA A 177 -3.99 -8.23 -17.44
C ALA A 177 -2.83 -7.90 -16.55
N LEU A 178 -2.77 -6.67 -16.02
CA LEU A 178 -1.72 -6.32 -15.07
C LEU A 178 -1.86 -7.15 -13.80
N ASN A 179 -0.74 -7.51 -13.20
CA ASN A 179 -0.79 -8.13 -11.89
C ASN A 179 -0.88 -7.04 -10.85
N TRP A 180 -1.90 -7.09 -10.01
CA TRP A 180 -2.07 -6.03 -9.00
C TRP A 180 -1.95 -6.55 -7.57
N MET A 181 -1.55 -5.65 -6.65
CA MET A 181 -1.46 -6.03 -5.26
C MET A 181 -2.00 -4.86 -4.46
N ILE A 182 -2.94 -5.14 -3.57
CA ILE A 182 -3.46 -4.11 -2.65
C ILE A 182 -2.87 -4.37 -1.26
N LEU A 183 -2.16 -3.39 -0.72
CA LEU A 183 -1.45 -3.54 0.57
C LEU A 183 -2.11 -2.55 1.51
N GLY A 184 -2.58 -3.01 2.64
CA GLY A 184 -3.13 -2.02 3.53
C GLY A 184 -3.73 -2.53 4.79
N ASP A 185 -4.36 -1.58 5.49
CA ASP A 185 -5.09 -1.87 6.70
C ASP A 185 -6.53 -2.05 6.29
N PHE A 186 -6.93 -3.32 6.25
CA PHE A 186 -8.28 -3.64 5.81
C PHE A 186 -9.30 -3.60 6.93
N ASN A 187 -8.81 -3.50 8.17
CA ASN A 187 -9.69 -3.33 9.35
C ASN A 187 -10.74 -4.43 9.52
N ARG A 188 -10.41 -5.62 8.99
CA ARG A 188 -11.11 -6.89 9.23
C ARG A 188 -10.10 -8.00 8.97
N GLU A 189 -10.34 -9.19 9.55
CA GLU A 189 -9.40 -10.27 9.47
C GLU A 189 -9.45 -10.86 8.03
N PRO A 190 -8.38 -11.50 7.59
CA PRO A 190 -8.30 -12.05 6.22
C PRO A 190 -9.48 -12.94 5.78
N ALA A 191 -9.83 -13.94 6.58
CA ALA A 191 -10.99 -14.77 6.21
C ALA A 191 -12.30 -13.99 6.15
N ASP A 192 -12.42 -12.95 6.99
CA ASP A 192 -13.58 -12.10 6.96
C ASP A 192 -13.71 -11.30 5.67
N LEU A 193 -12.58 -10.84 5.12
CA LEU A 193 -12.60 -10.23 3.81
C LEU A 193 -12.93 -11.28 2.71
N GLU A 194 -12.26 -12.43 2.74
CA GLU A 194 -12.36 -13.42 1.64
C GLU A 194 -13.80 -13.86 1.43
N MET A 195 -14.51 -14.14 2.54
CA MET A 195 -15.90 -14.66 2.49
C MET A 195 -16.94 -13.63 2.02
N ASN A 196 -16.55 -12.36 2.00
CA ASN A 196 -17.38 -11.25 1.58
C ASN A 196 -17.03 -10.68 0.20
N LEU A 197 -16.13 -11.35 -0.50
CA LEU A 197 -15.86 -11.02 -1.90
C LEU A 197 -16.80 -11.78 -2.84
N THR A 198 -17.11 -11.19 -4.00
CA THR A 198 -17.87 -11.91 -5.02
C THR A 198 -17.10 -13.12 -5.53
N VAL A 199 -17.83 -14.09 -6.10
CA VAL A 199 -17.18 -15.27 -6.65
C VAL A 199 -16.08 -14.95 -7.70
N PRO A 200 -16.34 -14.12 -8.68
CA PRO A 200 -15.27 -13.83 -9.68
C PRO A 200 -14.06 -13.16 -9.03
N VAL A 201 -14.25 -12.31 -8.03
CA VAL A 201 -13.07 -11.64 -7.42
C VAL A 201 -12.29 -12.65 -6.57
N ARG A 202 -12.99 -13.50 -5.82
CA ARG A 202 -12.35 -14.62 -5.12
C ARG A 202 -11.45 -15.52 -6.01
N ARG A 203 -11.94 -15.82 -7.20
CA ARG A 203 -11.25 -16.71 -8.12
C ARG A 203 -10.13 -15.98 -8.82
N ALA A 204 -10.15 -14.66 -8.73
CA ALA A 204 -9.18 -13.82 -9.41
C ALA A 204 -8.15 -13.17 -8.46
N SER A 205 -8.11 -13.64 -7.21
CA SER A 205 -7.17 -13.09 -6.28
C SER A 205 -6.81 -14.07 -5.18
N GLU A 206 -5.82 -13.70 -4.37
CA GLU A 206 -5.48 -14.48 -3.17
C GLU A 206 -5.13 -13.48 -2.07
N ILE A 207 -5.50 -13.82 -0.85
CA ILE A 207 -5.15 -12.97 0.29
C ILE A 207 -3.83 -13.49 0.85
N ILE A 208 -2.86 -12.60 1.04
CA ILE A 208 -1.55 -12.98 1.61
C ILE A 208 -1.42 -12.29 2.97
N SER A 209 -1.50 -13.06 4.05
CA SER A 209 -1.56 -12.49 5.40
C SER A 209 -0.61 -13.21 6.30
N PRO A 210 -0.09 -12.50 7.31
CA PRO A 210 0.87 -13.14 8.23
C PRO A 210 0.12 -14.00 9.27
N ALA A 211 0.82 -14.98 9.83
CA ALA A 211 0.18 -15.82 10.81
C ALA A 211 -0.12 -15.07 12.15
N ALA A 212 0.63 -13.99 12.38
CA ALA A 212 0.58 -13.28 13.64
C ALA A 212 -0.33 -12.07 13.55
N ALA A 213 -0.64 -11.49 14.73
CA ALA A 213 -1.36 -10.26 14.80
C ALA A 213 -0.52 -9.12 14.24
N THR A 214 -1.21 -8.11 13.71
CA THR A 214 -0.51 -6.99 13.08
C THR A 214 -0.74 -5.71 13.87
N GLN A 215 -1.47 -5.84 14.95
CA GLN A 215 -1.65 -4.73 15.87
C GLN A 215 -1.69 -5.22 17.30
N THR A 216 -1.72 -4.28 18.22
CA THR A 216 -1.47 -4.63 19.63
C THR A 216 -2.67 -5.30 20.28
N SER A 217 -3.78 -5.44 19.53
CA SER A 217 -5.01 -5.98 20.10
C SER A 217 -5.22 -7.42 19.61
N GLN A 218 -4.13 -8.00 19.09
CA GLN A 218 -4.08 -9.37 18.58
C GLN A 218 -4.87 -9.64 17.29
N ARG A 219 -5.27 -8.58 16.59
CA ARG A 219 -6.01 -8.79 15.34
C ARG A 219 -5.02 -8.75 14.16
N THR A 220 -5.39 -9.43 13.09
CA THR A 220 -4.58 -9.42 11.87
C THR A 220 -5.36 -8.54 10.87
N LEU A 221 -4.99 -7.27 10.80
CA LEU A 221 -5.74 -6.29 10.01
C LEU A 221 -4.99 -5.77 8.80
N ASP A 222 -3.67 -5.99 8.80
CA ASP A 222 -2.78 -5.39 7.78
C ASP A 222 -2.18 -6.52 6.97
N TYR A 223 -2.43 -6.50 5.67
CA TYR A 223 -1.96 -7.60 4.84
C TYR A 223 -2.12 -7.22 3.38
N ALA A 224 -2.06 -8.20 2.47
CA ALA A 224 -2.06 -7.93 1.01
C ALA A 224 -3.09 -8.77 0.29
N VAL A 225 -3.62 -8.24 -0.83
CA VAL A 225 -4.46 -9.04 -1.74
C VAL A 225 -3.81 -8.93 -3.10
N ALA A 226 -3.38 -10.07 -3.68
CA ALA A 226 -2.77 -10.09 -5.01
C ALA A 226 -3.81 -10.61 -6.00
N GLY A 227 -3.84 -10.03 -7.20
CA GLY A 227 -4.83 -10.47 -8.15
C GLY A 227 -4.51 -10.14 -9.59
N ASN A 228 -5.36 -10.63 -10.49
CA ASN A 228 -5.26 -10.33 -11.90
C ASN A 228 -6.66 -10.44 -12.49
N SER A 229 -7.10 -9.39 -13.16
CA SER A 229 -8.51 -9.30 -13.54
C SER A 229 -8.88 -10.13 -14.77
N VAL A 230 -7.88 -10.62 -15.49
CA VAL A 230 -8.19 -11.45 -16.66
C VAL A 230 -7.63 -12.85 -16.58
N ALA A 231 -6.46 -12.99 -15.97
CA ALA A 231 -5.88 -14.33 -15.83
C ALA A 231 -5.04 -14.46 -14.59
N PHE A 232 -5.69 -14.92 -13.55
CA PHE A 232 -5.04 -15.09 -12.28
C PHE A 232 -4.38 -16.45 -12.14
N ARG A 233 -3.13 -16.45 -11.68
CA ARG A 233 -2.51 -17.68 -11.17
C ARG A 233 -1.89 -17.38 -9.81
N PRO A 234 -2.17 -18.22 -8.82
CA PRO A 234 -1.64 -18.04 -7.47
C PRO A 234 -0.12 -17.84 -7.48
N SER A 235 0.36 -16.94 -6.63
CA SER A 235 1.78 -16.60 -6.55
C SER A 235 2.38 -17.21 -5.28
N PRO A 236 3.62 -17.66 -5.33
CA PRO A 236 4.26 -18.18 -4.11
C PRO A 236 4.75 -17.03 -3.22
N LEU A 237 3.81 -16.23 -2.71
CA LEU A 237 4.17 -15.13 -1.81
C LEU A 237 3.76 -15.42 -0.41
N GLN A 238 4.52 -14.88 0.55
CA GLN A 238 4.15 -15.03 1.96
C GLN A 238 4.30 -13.70 2.68
N ALA A 239 3.47 -13.50 3.67
CA ALA A 239 3.53 -12.27 4.50
C ALA A 239 4.14 -12.56 5.87
N GLY A 240 4.88 -11.62 6.43
CA GLY A 240 5.36 -11.78 7.79
C GLY A 240 5.47 -10.45 8.50
N ILE A 241 5.69 -10.49 9.82
CA ILE A 241 5.80 -9.24 10.56
C ILE A 241 7.24 -8.74 10.43
N VAL A 242 7.45 -7.55 9.85
CA VAL A 242 8.81 -7.03 9.76
C VAL A 242 9.16 -6.62 11.21
N TYR A 243 10.35 -6.99 11.68
CA TYR A 243 10.71 -6.80 13.09
C TYR A 243 9.91 -7.66 14.09
N GLY A 244 9.30 -8.75 13.62
CA GLY A 244 8.52 -9.60 14.51
C GLY A 244 9.38 -10.20 15.62
N ALA A 245 10.68 -10.32 15.35
CA ALA A 245 11.57 -10.93 16.35
C ALA A 245 12.11 -9.88 17.29
N ARG A 246 11.86 -8.63 16.98
CA ARG A 246 12.28 -7.63 17.95
C ARG A 246 11.15 -7.02 18.75
N ARG A 247 11.49 -6.55 19.94
CA ARG A 247 10.56 -5.73 20.69
C ARG A 247 10.85 -4.30 20.31
N THR A 248 9.90 -3.69 19.62
CA THR A 248 10.10 -2.34 19.12
C THR A 248 9.32 -1.32 19.95
N GLN A 249 9.82 -0.09 19.95
CA GLN A 249 9.23 1.00 20.71
C GLN A 249 8.96 2.15 19.74
N ILE A 250 8.07 1.88 18.78
CA ILE A 250 7.63 2.91 17.85
C ILE A 250 6.22 3.30 18.29
N SER A 251 5.89 4.55 18.05
CA SER A 251 4.65 5.11 18.48
C SER A 251 3.52 4.74 17.51
N SER A 252 3.54 3.51 16.96
CA SER A 252 2.36 2.95 16.24
C SER A 252 1.89 1.61 16.82
N ASP A 253 0.58 1.44 16.90
CA ASP A 253 0.01 0.20 17.40
C ASP A 253 -0.04 -0.86 16.29
N HIS A 254 0.31 -0.46 15.06
CA HIS A 254 0.41 -1.43 13.94
C HIS A 254 1.85 -1.74 13.62
N PHE A 255 2.09 -2.99 13.22
CA PHE A 255 3.42 -3.43 12.87
C PHE A 255 3.49 -3.47 11.35
N PRO A 256 4.66 -3.17 10.79
CA PRO A 256 4.87 -3.31 9.35
C PRO A 256 4.81 -4.76 8.98
N VAL A 257 4.25 -4.98 7.80
CA VAL A 257 4.02 -6.35 7.31
C VAL A 257 4.66 -6.45 5.97
N GLY A 258 5.55 -7.43 5.78
CA GLY A 258 6.29 -7.56 4.55
C GLY A 258 5.75 -8.74 3.71
N VAL A 259 5.82 -8.58 2.40
CA VAL A 259 5.39 -9.61 1.45
C VAL A 259 6.50 -9.86 0.46
N SER A 260 6.83 -11.14 0.25
CA SER A 260 7.78 -11.52 -0.77
C SER A 260 7.75 -13.03 -0.99
N ARG A 261 8.59 -13.48 -1.91
CA ARG A 261 8.56 -14.88 -2.32
C ARG A 261 8.86 -15.79 -1.15
N ARG A 262 8.05 -16.83 -1.02
CA ARG A 262 8.15 -17.77 0.09
C ARG A 262 9.50 -18.52 0.17
#